data_3PRU
#
_entry.id   3PRU
#
_cell.length_a   74.354
_cell.length_b   91.532
_cell.length_c   124.673
_cell.angle_alpha   90.000
_cell.angle_beta   90.000
_cell.angle_gamma   90.000
#
_symmetry.space_group_name_H-M   'P 21 21 21'
#
loop_
_entity.id
_entity.type
_entity.pdbx_description
1 polymer 'Phycobilisome 32.1 kDa linker polypeptide, phycocyanin-associated, rod 1'
2 non-polymer 'CHLORIDE ION'
3 non-polymer 'SODIUM ION'
4 water water
#
_entity_poly.entity_id   1
_entity_poly.type   'polypeptide(L)'
_entity_poly.pdbx_seq_one_letter_code
;(MSE)PYNESRPVELRPDFSLDDAK(MSE)VIRAVYRQVLGNDYI(MSE)DSERLKGAESLLTNGSISVREFVRTVAKSE
LYKKKFLYNNFQTRVIELNYKHLLGRAPFSEDEVIFHLDLYENQGFDADIDSYIDSVEYQENFGENIVPYYRFNNQVGLE
HHHHHH
;
_entity_poly.pdbx_strand_id   C,A,B,D
#
# COMPACT_ATOMS: atom_id res chain seq x y z
N ARG A 7 -42.52 -15.99 -2.02
CA ARG A 7 -42.35 -17.40 -2.38
C ARG A 7 -41.19 -17.72 -3.35
N PRO A 8 -41.05 -16.95 -4.47
CA PRO A 8 -39.82 -17.00 -5.28
C PRO A 8 -38.62 -16.45 -4.50
N VAL A 9 -37.42 -16.91 -4.83
CA VAL A 9 -36.23 -16.56 -4.04
C VAL A 9 -35.95 -15.07 -4.07
N GLU A 10 -36.08 -14.46 -2.89
CA GLU A 10 -36.11 -13.02 -2.80
C GLU A 10 -35.10 -12.53 -1.78
N LEU A 11 -34.78 -11.25 -1.83
CA LEU A 11 -33.98 -10.64 -0.79
C LEU A 11 -34.81 -9.55 -0.14
N ARG A 12 -35.50 -9.90 0.95
CA ARG A 12 -36.30 -8.92 1.67
C ARG A 12 -35.35 -8.03 2.50
N PRO A 13 -35.83 -6.83 2.86
CA PRO A 13 -34.95 -5.99 3.69
C PRO A 13 -34.74 -6.60 5.09
N ASP A 14 -33.54 -6.37 5.64
CA ASP A 14 -33.13 -6.98 6.89
C ASP A 14 -32.98 -8.48 6.69
N PHE A 15 -32.53 -8.84 5.49
CA PHE A 15 -32.15 -10.21 5.19
C PHE A 15 -30.97 -10.56 6.08
N SER A 16 -30.94 -11.80 6.55
CA SER A 16 -29.85 -12.27 7.37
C SER A 16 -28.73 -12.73 6.47
N LEU A 17 -27.56 -12.99 7.07
CA LEU A 17 -26.39 -13.38 6.31
C LEU A 17 -26.65 -14.71 5.64
N ASP A 18 -27.41 -15.57 6.30
CA ASP A 18 -27.81 -16.82 5.67
C ASP A 18 -28.68 -16.57 4.43
N ASP A 19 -29.64 -15.65 4.54
CA ASP A 19 -30.54 -15.33 3.42
C ASP A 19 -29.80 -14.94 2.15
N ALA A 20 -28.71 -14.20 2.30
CA ALA A 20 -27.89 -13.78 1.18
C ALA A 20 -27.18 -14.96 0.52
N LYS A 21 -26.59 -15.84 1.32
CA LYS A 21 -25.88 -17.00 0.79
C LYS A 21 -26.84 -17.84 -0.01
N VAL A 23 -29.70 -16.74 -1.46
CA VAL A 23 -30.06 -16.03 -2.68
C VAL A 23 -28.92 -16.17 -3.69
N ILE A 24 -27.69 -16.04 -3.21
CA ILE A 24 -26.55 -16.20 -4.10
C ILE A 24 -26.51 -17.58 -4.77
N ARG A 25 -26.73 -18.65 -4.01
CA ARG A 25 -26.77 -20.00 -4.59
C ARG A 25 -27.86 -20.07 -5.66
N ALA A 26 -29.06 -19.56 -5.35
CA ALA A 26 -30.18 -19.55 -6.29
C ALA A 26 -29.81 -18.90 -7.62
N VAL A 27 -29.07 -17.79 -7.54
CA VAL A 27 -28.67 -17.04 -8.72
C VAL A 27 -27.66 -17.82 -9.54
N TYR A 28 -26.71 -18.46 -8.88
CA TYR A 28 -25.72 -19.28 -9.60
C TYR A 28 -26.41 -20.42 -10.36
N ARG A 29 -27.29 -21.13 -9.65
CA ARG A 29 -28.10 -22.22 -10.20
C ARG A 29 -28.95 -21.77 -11.41
N GLN A 30 -29.58 -20.61 -11.30
CA GLN A 30 -30.48 -20.12 -12.33
C GLN A 30 -29.73 -19.62 -13.55
N VAL A 31 -28.69 -18.83 -13.29
CA VAL A 31 -28.03 -18.09 -14.34
C VAL A 31 -26.97 -18.91 -15.05
N LEU A 32 -26.35 -19.84 -14.34
CA LEU A 32 -25.39 -20.74 -14.95
C LEU A 32 -26.06 -22.08 -15.31
N GLY A 33 -27.38 -22.06 -15.32
CA GLY A 33 -28.20 -23.13 -15.87
C GLY A 33 -28.07 -24.42 -15.12
N ASN A 34 -28.06 -24.35 -13.79
CA ASN A 34 -27.93 -25.52 -12.93
C ASN A 34 -26.72 -26.36 -13.27
N ASP A 35 -25.56 -25.73 -13.14
CA ASP A 35 -24.30 -26.40 -13.38
C ASP A 35 -23.47 -25.94 -12.23
N TYR A 36 -23.33 -26.77 -11.19
CA TYR A 36 -22.64 -26.28 -10.01
C TYR A 36 -21.16 -26.02 -10.29
N ILE A 37 -20.74 -24.81 -9.93
CA ILE A 37 -19.43 -24.29 -10.25
C ILE A 37 -18.49 -24.40 -9.06
N ASP A 39 -15.55 -23.64 -6.26
CA ASP A 39 -15.39 -22.51 -5.38
C ASP A 39 -14.52 -21.43 -6.01
N SER A 40 -13.60 -21.81 -6.89
CA SER A 40 -12.70 -20.84 -7.52
C SER A 40 -13.39 -19.97 -8.59
N GLU A 41 -14.52 -20.48 -9.10
CA GLU A 41 -15.27 -19.79 -10.15
C GLU A 41 -16.22 -18.72 -9.58
N ARG A 42 -16.55 -18.83 -8.29
CA ARG A 42 -17.42 -17.86 -7.64
C ARG A 42 -16.87 -16.44 -7.74
N LEU A 43 -17.78 -15.48 -7.78
CA LEU A 43 -17.41 -14.07 -7.84
C LEU A 43 -17.58 -13.49 -6.43
N LYS A 44 -16.65 -13.85 -5.55
CA LYS A 44 -16.80 -13.56 -4.14
C LYS A 44 -16.93 -12.05 -3.93
N GLY A 45 -16.11 -11.27 -4.62
CA GLY A 45 -16.21 -9.82 -4.57
C GLY A 45 -17.64 -9.35 -4.81
N ALA A 46 -18.22 -9.79 -5.92
CA ALA A 46 -19.62 -9.53 -6.23
C ALA A 46 -20.53 -10.03 -5.11
N GLU A 47 -20.35 -11.30 -4.72
CA GLU A 47 -21.16 -11.88 -3.64
C GLU A 47 -21.13 -11.00 -2.39
N SER A 48 -19.94 -10.55 -2.06
CA SER A 48 -19.67 -9.87 -0.82
C SER A 48 -20.46 -8.58 -0.85
N LEU A 49 -20.38 -7.88 -1.98
CA LEU A 49 -21.13 -6.64 -2.19
C LEU A 49 -22.64 -6.83 -2.07
N LEU A 50 -23.16 -7.95 -2.53
CA LEU A 50 -24.58 -8.22 -2.41
C LEU A 50 -24.93 -8.35 -0.94
N THR A 51 -24.12 -9.14 -0.24
CA THR A 51 -24.28 -9.41 1.18
C THR A 51 -24.22 -8.16 2.06
N ASN A 52 -23.43 -7.17 1.62
CA ASN A 52 -23.33 -5.90 2.35
C ASN A 52 -24.56 -5.02 2.15
N GLY A 53 -25.15 -5.09 0.96
CA GLY A 53 -26.32 -4.28 0.67
C GLY A 53 -25.93 -3.15 -0.26
N SER A 54 -24.74 -3.29 -0.84
CA SER A 54 -24.22 -2.30 -1.80
C SER A 54 -24.88 -2.46 -3.18
N ILE A 55 -25.14 -3.72 -3.57
CA ILE A 55 -25.87 -4.02 -4.80
C ILE A 55 -27.11 -4.89 -4.55
N SER A 56 -28.05 -4.82 -5.50
CA SER A 56 -29.27 -5.60 -5.46
C SER A 56 -29.12 -6.98 -6.10
N VAL A 57 -30.09 -7.85 -5.86
CA VAL A 57 -30.10 -9.15 -6.53
C VAL A 57 -29.95 -8.96 -8.04
N ARG A 58 -30.78 -8.06 -8.58
CA ARG A 58 -30.78 -7.82 -10.01
C ARG A 58 -29.40 -7.43 -10.54
N GLU A 59 -28.71 -6.53 -9.83
CA GLU A 59 -27.36 -6.14 -10.27
C GLU A 59 -26.39 -7.29 -10.12
N PHE A 60 -26.63 -8.17 -9.15
CA PHE A 60 -25.82 -9.36 -9.03
C PHE A 60 -26.03 -10.31 -10.19
N VAL A 61 -27.29 -10.49 -10.60
CA VAL A 61 -27.62 -11.36 -11.73
C VAL A 61 -26.93 -10.85 -13.01
N ARG A 62 -27.07 -9.57 -13.26
CA ARG A 62 -26.43 -8.94 -14.40
C ARG A 62 -24.92 -9.20 -14.38
N THR A 63 -24.29 -9.04 -13.22
CA THR A 63 -22.87 -9.30 -13.09
C THR A 63 -22.48 -10.72 -13.47
N VAL A 64 -23.20 -11.70 -12.94
CA VAL A 64 -22.90 -13.09 -13.26
C VAL A 64 -23.08 -13.37 -14.75
N ALA A 65 -24.15 -12.79 -15.32
CA ALA A 65 -24.48 -13.02 -16.73
C ALA A 65 -23.47 -12.41 -17.68
N LYS A 66 -22.77 -11.38 -17.22
CA LYS A 66 -21.74 -10.73 -18.03
C LYS A 66 -20.32 -11.20 -17.74
N SER A 67 -20.18 -12.16 -16.84
CA SER A 67 -18.86 -12.61 -16.42
C SER A 67 -18.23 -13.57 -17.41
N GLU A 68 -16.93 -13.75 -17.32
CA GLU A 68 -16.19 -14.72 -18.10
C GLU A 68 -16.72 -16.12 -17.86
N LEU A 69 -17.32 -16.31 -16.70
CA LEU A 69 -17.83 -17.61 -16.29
C LEU A 69 -19.02 -18.04 -17.16
N TYR A 70 -19.91 -17.08 -17.39
CA TYR A 70 -21.08 -17.24 -18.24
C TYR A 70 -20.63 -17.34 -19.69
N LYS A 71 -19.73 -16.44 -20.07
CA LYS A 71 -19.27 -16.37 -21.44
C LYS A 71 -18.57 -17.65 -21.85
N LYS A 72 -17.76 -18.20 -20.94
CA LYS A 72 -17.04 -19.43 -21.25
C LYS A 72 -17.99 -20.59 -21.44
N LYS A 73 -19.05 -20.62 -20.64
CA LYS A 73 -20.02 -21.72 -20.66
C LYS A 73 -21.02 -21.67 -21.82
N PHE A 74 -21.41 -20.47 -22.23
CA PHE A 74 -22.54 -20.33 -23.16
C PHE A 74 -22.28 -19.56 -24.45
N LEU A 75 -21.26 -18.71 -24.49
CA LEU A 75 -21.06 -17.78 -25.62
C LEU A 75 -19.97 -18.18 -26.63
N TYR A 76 -18.82 -18.60 -26.13
CA TYR A 76 -17.66 -18.76 -26.99
C TYR A 76 -17.81 -19.98 -27.88
N ASN A 77 -18.53 -20.97 -27.36
CA ASN A 77 -18.74 -22.22 -28.08
C ASN A 77 -20.18 -22.44 -28.50
N ASN A 78 -20.83 -21.37 -28.96
CA ASN A 78 -22.17 -21.45 -29.50
C ASN A 78 -22.37 -20.37 -30.54
N PHE A 79 -23.21 -20.66 -31.53
CA PHE A 79 -23.69 -19.61 -32.43
C PHE A 79 -24.63 -18.70 -31.66
N GLN A 80 -24.70 -17.43 -32.06
CA GLN A 80 -25.39 -16.42 -31.26
C GLN A 80 -26.84 -16.76 -31.03
N THR A 81 -27.44 -17.39 -32.03
CA THR A 81 -28.83 -17.83 -31.97
C THR A 81 -29.09 -18.78 -30.79
N ARG A 82 -28.15 -19.67 -30.53
CA ARG A 82 -28.26 -20.50 -29.37
C ARG A 82 -28.00 -19.69 -28.07
N VAL A 83 -27.00 -18.81 -28.10
CA VAL A 83 -26.72 -17.96 -26.94
C VAL A 83 -27.98 -17.20 -26.52
N ILE A 84 -28.66 -16.60 -27.48
CA ILE A 84 -29.89 -15.85 -27.21
C ILE A 84 -30.95 -16.71 -26.51
N GLU A 85 -31.22 -17.90 -27.06
CA GLU A 85 -32.11 -18.85 -26.39
C GLU A 85 -31.72 -19.01 -24.92
N LEU A 86 -30.45 -19.31 -24.70
CA LEU A 86 -29.93 -19.51 -23.36
C LEU A 86 -30.14 -18.28 -22.45
N ASN A 87 -29.91 -17.09 -23.01
CA ASN A 87 -30.17 -15.86 -22.27
C ASN A 87 -31.64 -15.77 -21.84
N TYR A 88 -32.55 -16.00 -22.78
CA TYR A 88 -33.96 -16.01 -22.46
C TYR A 88 -34.27 -16.96 -21.31
N LYS A 89 -33.73 -18.16 -21.37
CA LYS A 89 -33.95 -19.16 -20.35
C LYS A 89 -33.36 -18.75 -18.97
N HIS A 90 -32.09 -18.36 -18.95
CA HIS A 90 -31.41 -17.98 -17.71
C HIS A 90 -31.95 -16.69 -17.12
N LEU A 91 -32.09 -15.67 -17.97
CA LEU A 91 -32.40 -14.32 -17.49
C LEU A 91 -33.88 -13.98 -17.44
N LEU A 92 -34.66 -14.55 -18.36
CA LEU A 92 -36.09 -14.29 -18.36
C LEU A 92 -36.95 -15.47 -17.91
N GLY A 93 -36.34 -16.64 -17.75
CA GLY A 93 -37.05 -17.81 -17.27
C GLY A 93 -38.02 -18.41 -18.27
N ARG A 94 -37.81 -18.13 -19.56
CA ARG A 94 -38.67 -18.70 -20.61
C ARG A 94 -37.94 -18.89 -21.94
N ALA A 95 -38.68 -19.34 -22.93
CA ALA A 95 -38.15 -19.49 -24.27
C ALA A 95 -38.61 -18.31 -25.08
N PRO A 96 -37.91 -18.00 -26.16
CA PRO A 96 -38.40 -16.96 -27.08
C PRO A 96 -39.78 -17.35 -27.61
N PHE A 97 -40.69 -16.40 -27.73
CA PHE A 97 -42.00 -16.66 -28.31
C PHE A 97 -41.91 -16.76 -29.81
N SER A 98 -40.96 -16.03 -30.38
CA SER A 98 -40.91 -15.91 -31.82
C SER A 98 -39.52 -15.68 -32.38
N GLU A 99 -39.39 -15.93 -33.69
CA GLU A 99 -38.17 -15.64 -34.43
C GLU A 99 -37.84 -14.16 -34.32
N ASP A 100 -38.89 -13.32 -34.31
CA ASP A 100 -38.74 -11.85 -34.18
C ASP A 100 -37.88 -11.49 -32.97
N GLU A 101 -38.19 -12.10 -31.84
CA GLU A 101 -37.49 -11.80 -30.60
C GLU A 101 -36.01 -12.13 -30.73
N VAL A 102 -35.70 -13.25 -31.37
CA VAL A 102 -34.32 -13.66 -31.59
C VAL A 102 -33.60 -12.69 -32.53
N ILE A 103 -34.23 -12.38 -33.65
CA ILE A 103 -33.65 -11.46 -34.61
C ILE A 103 -33.28 -10.15 -33.94
N PHE A 104 -34.18 -9.64 -33.11
CA PHE A 104 -33.90 -8.43 -32.37
C PHE A 104 -32.58 -8.52 -31.59
N HIS A 105 -32.44 -9.54 -30.77
CA HIS A 105 -31.23 -9.68 -29.95
C HIS A 105 -30.02 -9.99 -30.82
N LEU A 106 -30.21 -10.78 -31.85
CA LEU A 106 -29.18 -11.02 -32.86
C LEU A 106 -28.56 -9.69 -33.33
N ASP A 107 -29.38 -8.75 -33.76
CA ASP A 107 -28.86 -7.49 -34.27
C ASP A 107 -28.27 -6.62 -33.17
N LEU A 108 -28.89 -6.65 -31.99
CA LEU A 108 -28.40 -5.87 -30.87
C LEU A 108 -26.99 -6.33 -30.56
N TYR A 109 -26.80 -7.64 -30.54
CA TYR A 109 -25.49 -8.20 -30.27
C TYR A 109 -24.51 -7.84 -31.38
N GLU A 110 -24.98 -7.86 -32.63
CA GLU A 110 -24.12 -7.52 -33.77
C GLU A 110 -23.62 -6.09 -33.66
N ASN A 111 -24.53 -5.18 -33.32
CA ASN A 111 -24.24 -3.75 -33.32
C ASN A 111 -23.62 -3.25 -32.04
N GLN A 112 -24.19 -3.65 -30.91
CA GLN A 112 -23.81 -3.09 -29.61
C GLN A 112 -22.90 -4.00 -28.76
N GLY A 113 -22.78 -5.28 -29.15
CA GLY A 113 -21.93 -6.22 -28.44
C GLY A 113 -22.63 -7.01 -27.35
N PHE A 114 -21.92 -7.99 -26.79
CA PHE A 114 -22.48 -8.94 -25.84
C PHE A 114 -22.97 -8.32 -24.52
N ASP A 115 -22.16 -7.45 -23.92
CA ASP A 115 -22.58 -6.82 -22.66
C ASP A 115 -23.90 -6.09 -22.82
N ALA A 116 -24.02 -5.31 -23.89
CA ALA A 116 -25.22 -4.53 -24.13
C ALA A 116 -26.46 -5.43 -24.35
N ASP A 117 -26.29 -6.53 -25.09
CA ASP A 117 -27.34 -7.50 -25.23
C ASP A 117 -27.80 -8.01 -23.88
N ILE A 118 -26.85 -8.51 -23.07
CA ILE A 118 -27.18 -8.96 -21.70
C ILE A 118 -27.99 -7.92 -20.94
N ASP A 119 -27.51 -6.68 -20.91
CA ASP A 119 -28.29 -5.59 -20.32
C ASP A 119 -29.73 -5.55 -20.83
N SER A 120 -29.94 -5.93 -22.08
CA SER A 120 -31.27 -5.75 -22.65
C SER A 120 -32.30 -6.68 -22.00
N TYR A 121 -31.93 -7.91 -21.69
CA TYR A 121 -32.88 -8.86 -21.09
C TYR A 121 -33.28 -8.35 -19.70
N ILE A 122 -32.27 -7.95 -18.96
CA ILE A 122 -32.40 -7.54 -17.57
C ILE A 122 -33.05 -6.15 -17.43
N ASP A 123 -32.83 -5.28 -18.42
CA ASP A 123 -33.45 -3.94 -18.43
C ASP A 123 -34.89 -3.94 -18.95
N SER A 124 -35.34 -5.08 -19.46
CA SER A 124 -36.65 -5.14 -20.09
C SER A 124 -37.76 -4.90 -19.06
N VAL A 125 -38.87 -4.35 -19.54
CA VAL A 125 -40.09 -4.25 -18.75
C VAL A 125 -40.53 -5.61 -18.25
N GLU A 126 -40.46 -6.62 -19.13
CA GLU A 126 -40.74 -8.00 -18.73
C GLU A 126 -39.97 -8.40 -17.47
N TYR A 127 -38.66 -8.12 -17.45
CA TYR A 127 -37.83 -8.49 -16.31
C TYR A 127 -38.20 -7.65 -15.07
N GLN A 128 -38.48 -6.37 -15.29
CA GLN A 128 -38.87 -5.51 -14.19
C GLN A 128 -40.12 -6.03 -13.50
N GLU A 129 -41.13 -6.39 -14.31
CA GLU A 129 -42.43 -6.79 -13.79
C GLU A 129 -42.36 -8.14 -13.11
N ASN A 130 -41.55 -9.03 -13.66
CA ASN A 130 -41.47 -10.39 -13.14
C ASN A 130 -40.57 -10.53 -11.91
N PHE A 131 -39.37 -9.95 -11.98
CA PHE A 131 -38.39 -10.16 -10.91
C PHE A 131 -37.96 -8.85 -10.21
N GLY A 132 -37.91 -7.75 -10.95
CA GLY A 132 -37.50 -6.49 -10.34
C GLY A 132 -36.11 -6.53 -9.71
N GLU A 133 -35.89 -5.70 -8.70
CA GLU A 133 -34.56 -5.55 -8.10
C GLU A 133 -34.12 -6.69 -7.17
N ASN A 134 -35.07 -7.41 -6.56
CA ASN A 134 -34.70 -8.33 -5.49
C ASN A 134 -35.08 -9.78 -5.65
N ILE A 135 -35.60 -10.18 -6.81
CA ILE A 135 -36.03 -11.56 -6.99
C ILE A 135 -35.20 -12.29 -8.03
N VAL A 136 -34.87 -13.54 -7.74
CA VAL A 136 -34.02 -14.30 -8.62
C VAL A 136 -34.87 -14.89 -9.75
N PRO A 137 -34.53 -14.59 -11.01
CA PRO A 137 -35.26 -15.15 -12.16
C PRO A 137 -35.47 -16.62 -11.97
N TYR A 138 -36.70 -17.09 -12.25
CA TYR A 138 -37.03 -18.50 -12.19
C TYR A 138 -37.74 -18.88 -13.48
N TYR A 139 -37.71 -20.15 -13.86
CA TYR A 139 -38.39 -20.53 -15.09
C TYR A 139 -39.91 -20.43 -14.92
N ARG A 140 -40.52 -19.49 -15.63
CA ARG A 140 -41.96 -19.31 -15.58
C ARG A 140 -42.52 -20.24 -16.62
N PHE A 141 -43.32 -21.20 -16.21
CA PHE A 141 -43.89 -22.13 -17.18
C PHE A 141 -45.17 -21.53 -17.83
N ASN A 142 -45.53 -20.33 -17.38
CA ASN A 142 -46.75 -19.66 -17.79
C ASN A 142 -46.55 -18.14 -17.72
N ASN A 143 -46.86 -17.44 -18.79
CA ASN A 143 -46.62 -15.99 -18.85
C ASN A 143 -47.88 -15.15 -19.18
N TYR B 3 1.43 11.51 -10.37
CA TYR B 3 2.61 12.36 -10.39
C TYR B 3 3.08 12.65 -11.83
N ASN B 4 3.98 13.62 -11.99
CA ASN B 4 4.39 14.07 -13.32
C ASN B 4 3.14 14.61 -14.02
N GLU B 5 2.05 14.49 -13.27
CA GLU B 5 0.70 14.85 -13.64
C GLU B 5 0.08 15.31 -12.31
N SER B 6 -1.05 16.01 -12.35
CA SER B 6 -1.68 16.46 -11.09
C SER B 6 -2.09 15.30 -10.17
N ARG B 7 -2.74 14.27 -10.74
CA ARG B 7 -3.23 13.07 -10.04
C ARG B 7 -3.80 13.38 -8.65
N PRO B 8 -4.04 12.36 -7.79
CA PRO B 8 -3.89 10.90 -7.79
C PRO B 8 -4.82 10.14 -8.71
N VAL B 9 -4.78 8.81 -8.58
CA VAL B 9 -5.57 7.93 -9.41
C VAL B 9 -7.03 7.97 -8.98
N GLU B 10 -7.88 8.44 -9.89
CA GLU B 10 -9.25 8.75 -9.55
C GLU B 10 -10.16 8.30 -10.68
N LEU B 11 -11.40 7.98 -10.32
CA LEU B 11 -12.41 7.68 -11.32
C LEU B 11 -13.36 8.87 -11.42
N ARG B 12 -13.04 9.81 -12.30
CA ARG B 12 -13.88 10.98 -12.51
C ARG B 12 -15.14 10.57 -13.25
N PRO B 13 -16.21 11.38 -13.16
CA PRO B 13 -17.47 11.02 -13.84
C PRO B 13 -17.33 11.01 -15.38
N ASP B 14 -18.01 10.06 -16.03
CA ASP B 14 -17.87 9.84 -17.49
C ASP B 14 -16.52 9.26 -17.88
N PHE B 15 -15.96 8.47 -16.97
CA PHE B 15 -14.70 7.80 -17.20
C PHE B 15 -14.88 6.80 -18.34
N SER B 16 -13.78 6.52 -19.03
CA SER B 16 -13.75 5.49 -20.06
C SER B 16 -13.54 4.11 -19.44
N LEU B 17 -13.73 3.06 -20.24
CA LEU B 17 -13.45 1.71 -19.77
C LEU B 17 -11.97 1.64 -19.40
N ASP B 18 -11.12 2.26 -20.21
CA ASP B 18 -9.70 2.31 -19.92
C ASP B 18 -9.41 3.09 -18.64
N ASP B 19 -10.18 4.13 -18.37
CA ASP B 19 -10.01 4.85 -17.11
C ASP B 19 -10.23 3.88 -15.95
N ALA B 20 -11.33 3.12 -16.02
CA ALA B 20 -11.69 2.15 -14.99
C ALA B 20 -10.69 1.00 -14.88
N LYS B 21 -10.08 0.61 -15.99
CA LYS B 21 -9.09 -0.48 -15.93
C LYS B 21 -7.84 -0.01 -15.22
N VAL B 23 -7.80 2.57 -12.87
CA VAL B 23 -8.19 2.70 -11.47
C VAL B 23 -8.16 1.35 -10.76
N ILE B 24 -8.62 0.31 -11.45
CA ILE B 24 -8.63 -1.04 -10.88
C ILE B 24 -7.22 -1.57 -10.59
N ARG B 25 -6.31 -1.46 -11.55
CA ARG B 25 -4.95 -1.93 -11.36
C ARG B 25 -4.32 -1.14 -10.23
N ALA B 26 -4.71 0.14 -10.16
CA ALA B 26 -4.29 1.01 -9.07
C ALA B 26 -4.77 0.50 -7.71
N VAL B 27 -5.98 -0.05 -7.65
CA VAL B 27 -6.50 -0.58 -6.39
C VAL B 27 -5.83 -1.88 -5.97
N TYR B 28 -5.53 -2.76 -6.93
CA TYR B 28 -4.88 -4.00 -6.57
C TYR B 28 -3.45 -3.72 -6.12
N ARG B 29 -2.81 -2.80 -6.84
CA ARG B 29 -1.43 -2.45 -6.56
C ARG B 29 -1.36 -1.85 -5.18
N GLN B 30 -2.28 -0.96 -4.85
CA GLN B 30 -2.22 -0.28 -3.55
C GLN B 30 -2.66 -1.15 -2.37
N VAL B 31 -3.76 -1.87 -2.53
CA VAL B 31 -4.44 -2.56 -1.44
C VAL B 31 -3.88 -3.95 -1.19
N LEU B 32 -3.15 -4.46 -2.17
CA LEU B 32 -2.48 -5.75 -2.03
C LEU B 32 -0.97 -5.57 -1.93
N GLY B 33 -0.54 -4.35 -1.67
CA GLY B 33 0.84 -4.04 -1.38
C GLY B 33 1.83 -4.43 -2.46
N ASN B 34 1.43 -4.28 -3.71
CA ASN B 34 2.31 -4.53 -4.85
C ASN B 34 2.63 -6.00 -5.16
N ASP B 35 2.15 -6.93 -4.33
CA ASP B 35 2.22 -8.34 -4.69
C ASP B 35 1.31 -8.52 -5.88
N TYR B 36 1.87 -8.83 -7.05
CA TYR B 36 1.01 -8.95 -8.22
C TYR B 36 0.25 -10.26 -8.32
N ILE B 37 -1.06 -10.11 -8.52
CA ILE B 37 -1.98 -11.24 -8.51
C ILE B 37 -2.29 -11.73 -9.91
N ASP B 39 -4.46 -13.89 -12.83
CA ASP B 39 -5.80 -13.72 -13.34
C ASP B 39 -6.86 -14.31 -12.42
N SER B 40 -6.71 -15.60 -12.13
CA SER B 40 -7.67 -16.37 -11.35
C SER B 40 -8.02 -15.77 -9.98
N GLU B 41 -7.14 -14.90 -9.49
CA GLU B 41 -7.25 -14.30 -8.17
C GLU B 41 -8.09 -13.03 -8.17
N ARG B 42 -8.08 -12.31 -9.30
CA ARG B 42 -8.89 -11.10 -9.51
C ARG B 42 -10.38 -11.30 -9.23
N LEU B 43 -10.98 -10.30 -8.59
CA LEU B 43 -12.40 -10.25 -8.31
C LEU B 43 -13.08 -9.54 -9.48
N LYS B 44 -13.23 -10.27 -10.58
CA LYS B 44 -13.71 -9.69 -11.83
C LYS B 44 -15.17 -9.30 -11.73
N GLY B 45 -15.89 -10.04 -10.90
CA GLY B 45 -17.28 -9.70 -10.65
C GLY B 45 -17.35 -8.25 -10.23
N ALA B 46 -16.57 -7.93 -9.19
CA ALA B 46 -16.58 -6.60 -8.62
C ALA B 46 -15.91 -5.55 -9.52
N GLU B 47 -14.88 -5.96 -10.27
CA GLU B 47 -14.31 -5.10 -11.30
C GLU B 47 -15.39 -4.62 -12.26
N SER B 48 -16.26 -5.53 -12.67
CA SER B 48 -17.25 -5.16 -13.67
C SER B 48 -18.33 -4.24 -13.06
N LEU B 49 -18.69 -4.46 -11.79
CA LEU B 49 -19.62 -3.55 -11.11
C LEU B 49 -19.04 -2.14 -10.96
N LEU B 50 -17.73 -2.03 -10.80
CA LEU B 50 -17.10 -0.72 -10.79
C LEU B 50 -17.21 -0.13 -12.20
N THR B 51 -16.77 -0.89 -13.20
CA THR B 51 -16.73 -0.39 -14.56
C THR B 51 -18.08 0.09 -15.12
N ASN B 52 -19.16 -0.52 -14.63
CA ASN B 52 -20.51 -0.12 -15.02
C ASN B 52 -21.13 0.89 -14.04
N GLY B 53 -20.28 1.64 -13.35
CA GLY B 53 -20.75 2.65 -12.42
C GLY B 53 -21.69 2.16 -11.33
N SER B 54 -21.77 0.84 -11.12
CA SER B 54 -22.64 0.32 -10.05
C SER B 54 -22.14 0.59 -8.61
N ILE B 55 -20.81 0.67 -8.44
CA ILE B 55 -20.19 0.87 -7.14
C ILE B 55 -19.02 1.86 -7.22
N SER B 56 -18.77 2.56 -6.12
CA SER B 56 -17.70 3.55 -6.01
C SER B 56 -16.33 2.89 -5.84
N VAL B 57 -15.28 3.57 -6.29
CA VAL B 57 -13.90 3.14 -5.99
C VAL B 57 -13.77 2.71 -4.53
N ARG B 58 -14.31 3.52 -3.63
CA ARG B 58 -14.28 3.21 -2.21
C ARG B 58 -14.93 1.85 -1.88
N GLU B 59 -16.13 1.60 -2.41
CA GLU B 59 -16.76 0.29 -2.21
C GLU B 59 -15.93 -0.85 -2.81
N PHE B 60 -15.21 -0.56 -3.89
CA PHE B 60 -14.33 -1.56 -4.48
C PHE B 60 -13.15 -1.84 -3.57
N VAL B 61 -12.59 -0.76 -3.02
CA VAL B 61 -11.43 -0.87 -2.13
C VAL B 61 -11.84 -1.70 -0.93
N ARG B 62 -12.97 -1.34 -0.35
CA ARG B 62 -13.45 -2.00 0.85
C ARG B 62 -13.62 -3.48 0.56
N THR B 63 -14.08 -3.77 -0.64
CA THR B 63 -14.38 -5.13 -1.07
C THR B 63 -13.14 -5.98 -1.28
N VAL B 64 -12.06 -5.35 -1.74
CA VAL B 64 -10.80 -6.06 -1.92
C VAL B 64 -10.22 -6.35 -0.55
N ALA B 65 -10.34 -5.38 0.35
CA ALA B 65 -9.80 -5.51 1.67
C ALA B 65 -10.51 -6.61 2.47
N LYS B 66 -11.73 -6.95 2.08
CA LYS B 66 -12.48 -7.92 2.84
C LYS B 66 -12.43 -9.32 2.23
N SER B 67 -11.75 -9.45 1.10
CA SER B 67 -11.72 -10.74 0.41
C SER B 67 -10.69 -11.71 0.98
N GLU B 68 -10.91 -12.99 0.68
CA GLU B 68 -9.96 -14.04 1.03
C GLU B 68 -8.61 -13.70 0.46
N LEU B 69 -8.61 -13.18 -0.76
CA LEU B 69 -7.38 -12.73 -1.38
C LEU B 69 -6.58 -11.87 -0.39
N TYR B 70 -7.21 -10.83 0.13
CA TYR B 70 -6.58 -9.98 1.12
C TYR B 70 -6.25 -10.75 2.40
N LYS B 71 -7.23 -11.47 2.93
CA LYS B 71 -7.06 -12.23 4.18
C LYS B 71 -5.97 -13.30 4.09
N LYS B 72 -5.95 -14.07 3.01
CA LYS B 72 -4.83 -14.99 2.79
C LYS B 72 -3.48 -14.27 2.81
N LYS B 73 -3.38 -13.09 2.21
CA LYS B 73 -2.10 -12.41 2.10
C LYS B 73 -1.63 -11.78 3.41
N PHE B 74 -2.58 -11.29 4.22
CA PHE B 74 -2.23 -10.41 5.34
C PHE B 74 -2.83 -10.75 6.71
N LEU B 75 -3.84 -11.61 6.76
CA LEU B 75 -4.52 -11.91 8.03
C LEU B 75 -4.13 -13.24 8.66
N TYR B 76 -4.24 -14.30 7.87
CA TYR B 76 -4.11 -15.66 8.37
C TYR B 76 -2.69 -16.00 8.82
N ASN B 77 -1.74 -15.14 8.49
CA ASN B 77 -0.32 -15.41 8.66
C ASN B 77 0.39 -14.38 9.54
N ASN B 78 -0.39 -13.58 10.26
CA ASN B 78 0.17 -12.51 11.07
C ASN B 78 -0.60 -12.37 12.35
N PHE B 79 0.06 -11.81 13.36
CA PHE B 79 -0.64 -11.43 14.58
C PHE B 79 -1.40 -10.14 14.29
N GLN B 80 -2.54 -9.96 14.96
CA GLN B 80 -3.42 -8.83 14.70
C GLN B 80 -2.69 -7.50 14.61
N THR B 81 -1.65 -7.37 15.43
CA THR B 81 -0.84 -6.17 15.48
C THR B 81 -0.23 -5.84 14.12
N ARG B 82 0.38 -6.83 13.49
CA ARG B 82 0.99 -6.64 12.20
C ARG B 82 -0.12 -6.47 11.14
N VAL B 83 -1.31 -7.01 11.40
CA VAL B 83 -2.44 -6.80 10.50
C VAL B 83 -2.92 -5.34 10.48
N ILE B 84 -3.11 -4.79 11.67
CA ILE B 84 -3.50 -3.39 11.84
C ILE B 84 -2.48 -2.45 11.17
N GLU B 85 -1.19 -2.71 11.39
CA GLU B 85 -0.15 -1.97 10.67
C GLU B 85 -0.45 -1.95 9.17
N LEU B 86 -0.60 -3.13 8.60
CA LEU B 86 -0.90 -3.31 7.18
C LEU B 86 -2.18 -2.59 6.73
N ASN B 87 -3.28 -2.76 7.48
CA ASN B 87 -4.51 -2.04 7.16
C ASN B 87 -4.23 -0.55 7.00
N TYR B 88 -3.46 0.02 7.91
CA TYR B 88 -3.09 1.42 7.83
C TYR B 88 -2.28 1.75 6.59
N LYS B 89 -1.42 0.83 6.16
CA LYS B 89 -0.60 1.06 5.00
C LYS B 89 -1.46 1.00 3.74
N HIS B 90 -2.20 -0.08 3.62
CA HIS B 90 -3.02 -0.36 2.44
C HIS B 90 -4.20 0.59 2.25
N LEU B 91 -4.87 0.94 3.35
CA LEU B 91 -6.12 1.69 3.27
C LEU B 91 -6.01 3.17 3.65
N LEU B 92 -4.93 3.57 4.32
CA LEU B 92 -4.77 4.99 4.70
C LEU B 92 -3.53 5.66 4.08
N GLY B 93 -2.59 4.85 3.62
CA GLY B 93 -1.40 5.35 2.94
C GLY B 93 -0.42 5.80 3.98
N ARG B 94 -0.46 5.15 5.14
CA ARG B 94 0.38 5.58 6.26
C ARG B 94 0.55 4.55 7.39
N ALA B 95 1.55 4.81 8.22
CA ALA B 95 1.82 4.02 9.41
C ALA B 95 1.07 4.65 10.55
N PRO B 96 0.62 3.82 11.50
CA PRO B 96 -0.02 4.38 12.69
C PRO B 96 0.93 5.37 13.36
N PHE B 97 0.37 6.44 13.89
CA PHE B 97 1.15 7.47 14.56
C PHE B 97 1.63 6.99 15.91
N SER B 98 0.76 6.27 16.61
CA SER B 98 0.97 5.86 18.00
C SER B 98 0.45 4.45 18.25
N GLU B 99 0.85 3.85 19.37
CA GLU B 99 0.31 2.55 19.75
C GLU B 99 -1.19 2.66 20.00
N ASP B 100 -1.65 3.87 20.32
CA ASP B 100 -3.05 4.09 20.66
C ASP B 100 -4.00 3.80 19.51
N GLU B 101 -3.58 4.13 18.30
CA GLU B 101 -4.37 3.80 17.13
C GLU B 101 -4.46 2.29 17.04
N VAL B 102 -3.32 1.62 17.11
CA VAL B 102 -3.31 0.16 17.08
C VAL B 102 -4.26 -0.43 18.12
N ILE B 103 -4.11 0.02 19.37
CA ILE B 103 -4.95 -0.47 20.46
C ILE B 103 -6.41 -0.33 20.11
N PHE B 104 -6.77 0.84 19.59
CA PHE B 104 -8.17 1.11 19.26
C PHE B 104 -8.74 0.06 18.30
N HIS B 105 -7.98 -0.26 17.26
CA HIS B 105 -8.41 -1.24 16.28
C HIS B 105 -8.36 -2.63 16.86
N LEU B 106 -7.26 -2.95 17.55
CA LEU B 106 -7.14 -4.24 18.21
C LEU B 106 -8.41 -4.56 18.96
N ASP B 107 -8.99 -3.55 19.61
CA ASP B 107 -10.21 -3.72 20.38
C ASP B 107 -11.45 -3.92 19.52
N LEU B 108 -11.58 -3.09 18.50
CA LEU B 108 -12.72 -3.16 17.58
C LEU B 108 -12.71 -4.52 16.90
N TYR B 109 -11.52 -5.08 16.71
CA TYR B 109 -11.38 -6.41 16.13
C TYR B 109 -11.87 -7.50 17.07
N GLU B 110 -11.52 -7.38 18.35
CA GLU B 110 -11.92 -8.35 19.36
C GLU B 110 -13.43 -8.41 19.51
N ASN B 111 -14.05 -7.24 19.47
CA ASN B 111 -15.47 -7.10 19.80
C ASN B 111 -16.39 -7.17 18.59
N GLN B 112 -15.83 -7.04 17.39
CA GLN B 112 -16.67 -6.97 16.22
C GLN B 112 -16.12 -7.73 15.01
N GLY B 113 -14.88 -8.17 15.11
CA GLY B 113 -14.30 -9.06 14.11
C GLY B 113 -13.67 -8.34 12.93
N PHE B 114 -13.08 -9.11 12.03
CA PHE B 114 -12.27 -8.57 10.94
C PHE B 114 -12.97 -7.51 10.07
N ASP B 115 -14.07 -7.89 9.43
CA ASP B 115 -14.83 -6.99 8.57
C ASP B 115 -15.13 -5.63 9.21
N ALA B 116 -15.73 -5.65 10.41
CA ALA B 116 -16.01 -4.42 11.13
C ALA B 116 -14.76 -3.52 11.23
N ASP B 117 -13.63 -4.15 11.56
CA ASP B 117 -12.34 -3.49 11.61
C ASP B 117 -12.02 -2.80 10.28
N ILE B 118 -11.86 -3.59 9.21
CA ILE B 118 -11.67 -3.02 7.88
C ILE B 118 -12.53 -1.77 7.66
N ASP B 119 -13.80 -1.84 8.03
CA ASP B 119 -14.69 -0.71 7.83
C ASP B 119 -14.23 0.55 8.53
N SER B 120 -13.65 0.43 9.73
CA SER B 120 -13.19 1.60 10.48
C SER B 120 -12.30 2.51 9.64
N TYR B 121 -11.27 1.93 9.04
CA TYR B 121 -10.32 2.70 8.26
C TYR B 121 -11.03 3.44 7.12
N ILE B 122 -11.94 2.73 6.45
CA ILE B 122 -12.57 3.25 5.24
C ILE B 122 -13.74 4.16 5.55
N ASP B 123 -14.33 4.00 6.72
CA ASP B 123 -15.41 4.87 7.15
C ASP B 123 -14.90 6.15 7.82
N SER B 124 -13.64 6.14 8.22
CA SER B 124 -13.11 7.24 9.03
C SER B 124 -13.09 8.56 8.27
N VAL B 125 -13.18 9.66 9.02
CA VAL B 125 -13.07 11.02 8.49
C VAL B 125 -11.76 11.23 7.72
N GLU B 126 -10.68 10.65 8.22
CA GLU B 126 -9.40 10.74 7.53
C GLU B 126 -9.47 10.13 6.15
N TYR B 127 -10.10 8.96 6.04
CA TYR B 127 -10.29 8.35 4.74
C TYR B 127 -11.18 9.24 3.87
N GLN B 128 -12.28 9.68 4.47
CA GLN B 128 -13.24 10.54 3.81
C GLN B 128 -12.57 11.77 3.20
N GLU B 129 -11.73 12.40 3.99
CA GLU B 129 -11.15 13.69 3.63
C GLU B 129 -10.05 13.56 2.58
N ASN B 130 -9.29 12.48 2.67
CA ASN B 130 -8.14 12.27 1.80
C ASN B 130 -8.47 11.64 0.47
N PHE B 131 -9.32 10.61 0.50
CA PHE B 131 -9.58 9.77 -0.66
C PHE B 131 -11.02 9.90 -1.14
N GLY B 132 -11.96 9.95 -0.20
CA GLY B 132 -13.35 10.13 -0.55
C GLY B 132 -13.86 8.92 -1.28
N GLU B 133 -14.86 9.12 -2.13
CA GLU B 133 -15.54 8.04 -2.86
C GLU B 133 -14.76 7.49 -4.05
N ASN B 134 -13.90 8.34 -4.61
CA ASN B 134 -13.38 8.09 -5.95
C ASN B 134 -11.87 8.03 -6.14
N ILE B 135 -11.10 8.14 -5.07
CA ILE B 135 -9.66 8.12 -5.24
C ILE B 135 -9.03 6.89 -4.62
N VAL B 136 -8.18 6.23 -5.40
CA VAL B 136 -7.45 5.05 -4.95
C VAL B 136 -6.53 5.56 -3.89
N PRO B 137 -6.50 4.90 -2.71
CA PRO B 137 -5.58 5.41 -1.70
C PRO B 137 -4.14 5.33 -2.21
N TYR B 138 -3.29 6.19 -1.67
CA TYR B 138 -1.88 6.20 -2.04
C TYR B 138 -1.07 6.44 -0.78
N TYR B 139 0.17 5.99 -0.76
CA TYR B 139 0.96 6.21 0.41
C TYR B 139 1.38 7.68 0.44
N ARG B 140 0.90 8.41 1.44
CA ARG B 140 1.23 9.82 1.64
C ARG B 140 2.34 9.87 2.66
N PHE B 141 3.46 10.46 2.28
CA PHE B 141 4.61 10.44 3.19
C PHE B 141 4.52 11.61 4.16
N ASN B 142 3.64 12.54 3.83
CA ASN B 142 3.27 13.65 4.68
C ASN B 142 1.82 13.47 5.07
N ASN B 143 1.56 13.16 6.33
CA ASN B 143 0.21 12.76 6.76
C ASN B 143 -0.63 13.87 7.38
N GLN B 144 -0.08 15.08 7.43
CA GLN B 144 -0.83 16.23 7.90
C GLN B 144 -1.44 16.95 6.70
N ARG C 7 6.60 -6.32 -19.27
CA ARG C 7 6.70 -5.07 -20.01
C ARG C 7 7.70 -4.07 -19.42
N PRO C 8 9.00 -4.29 -19.68
CA PRO C 8 10.11 -3.48 -19.16
C PRO C 8 10.21 -2.07 -19.74
N VAL C 9 10.27 -1.09 -18.84
CA VAL C 9 10.40 0.31 -19.16
C VAL C 9 11.88 0.69 -19.23
N GLU C 10 12.31 1.19 -20.38
CA GLU C 10 13.70 1.53 -20.61
C GLU C 10 13.80 2.99 -21.02
N LEU C 11 14.89 3.65 -20.64
CA LEU C 11 15.14 5.01 -21.11
C LEU C 11 16.15 4.99 -22.25
N ARG C 12 15.65 5.15 -23.48
CA ARG C 12 16.49 5.04 -24.69
C ARG C 12 17.60 6.07 -24.69
N PRO C 13 18.66 5.83 -25.46
CA PRO C 13 19.59 6.94 -25.61
C PRO C 13 18.90 7.91 -26.56
N ASP C 14 18.95 9.19 -26.24
CA ASP C 14 18.21 10.23 -26.97
C ASP C 14 16.73 10.29 -26.61
N PHE C 15 16.43 10.01 -25.34
CA PHE C 15 15.09 10.03 -24.81
C PHE C 15 14.48 11.43 -24.91
N SER C 16 13.18 11.51 -24.68
CA SER C 16 12.48 12.79 -24.67
C SER C 16 11.97 13.05 -23.27
N LEU C 17 11.35 14.22 -23.11
CA LEU C 17 10.74 14.60 -21.86
C LEU C 17 9.72 13.56 -21.38
N ASP C 18 8.81 13.12 -22.26
CA ASP C 18 7.80 12.12 -21.86
C ASP C 18 8.38 10.74 -21.55
N ASP C 19 9.48 10.38 -22.21
CA ASP C 19 10.22 9.16 -21.85
C ASP C 19 10.64 9.21 -20.40
N ALA C 20 11.27 10.32 -20.02
CA ALA C 20 11.74 10.51 -18.66
C ALA C 20 10.60 10.44 -17.64
N LYS C 21 9.47 11.07 -17.96
CA LYS C 21 8.31 11.05 -17.05
C LYS C 21 7.76 9.64 -16.89
N VAL C 23 9.52 6.82 -17.23
CA VAL C 23 10.49 6.11 -16.43
C VAL C 23 10.40 6.48 -14.96
N ILE C 24 10.23 7.77 -14.66
CA ILE C 24 10.11 8.20 -13.27
C ILE C 24 8.88 7.57 -12.65
N ARG C 25 7.74 7.68 -13.33
CA ARG C 25 6.53 6.98 -12.90
C ARG C 25 6.80 5.49 -12.68
N ALA C 26 7.49 4.87 -13.63
CA ALA C 26 7.78 3.44 -13.52
C ALA C 26 8.67 3.11 -12.31
N VAL C 27 9.58 4.02 -11.96
CA VAL C 27 10.44 3.81 -10.78
C VAL C 27 9.72 4.02 -9.45
N TYR C 28 8.93 5.09 -9.35
CA TYR C 28 8.07 5.27 -8.18
C TYR C 28 7.11 4.11 -7.96
N ARG C 29 6.70 3.45 -9.04
CA ARG C 29 5.81 2.30 -8.93
C ARG C 29 6.58 1.06 -8.45
N GLN C 30 7.71 0.77 -9.11
CA GLN C 30 8.46 -0.44 -8.85
C GLN C 30 9.18 -0.45 -7.52
N VAL C 31 9.86 0.65 -7.23
CA VAL C 31 10.73 0.76 -6.08
C VAL C 31 10.02 1.33 -4.86
N LEU C 32 9.04 2.19 -5.08
CA LEU C 32 8.31 2.78 -3.95
C LEU C 32 6.90 2.24 -3.71
N GLY C 33 6.31 1.61 -4.72
CA GLY C 33 4.95 1.15 -4.56
C GLY C 33 3.98 2.32 -4.50
N ASN C 34 4.29 3.35 -5.27
CA ASN C 34 3.39 4.47 -5.40
C ASN C 34 2.98 4.72 -6.86
N ASP C 35 1.68 4.84 -7.07
CA ASP C 35 1.15 5.23 -8.37
C ASP C 35 0.98 6.73 -8.35
N TYR C 36 0.99 7.29 -7.15
CA TYR C 36 0.99 8.74 -6.97
C TYR C 36 1.78 9.16 -5.72
N ILE C 37 2.48 10.29 -5.83
CA ILE C 37 3.26 10.89 -4.76
C ILE C 37 2.97 12.39 -4.77
N ASP C 39 3.07 16.40 -4.69
CA ASP C 39 4.08 17.27 -5.27
C ASP C 39 5.18 17.53 -4.26
N SER C 40 4.79 17.83 -3.02
CA SER C 40 5.75 18.25 -2.02
C SER C 40 6.75 17.16 -1.60
N GLU C 41 6.38 15.90 -1.80
CA GLU C 41 7.17 14.76 -1.33
C GLU C 41 8.00 14.09 -2.44
N ARG C 42 7.77 14.50 -3.68
CA ARG C 42 8.48 13.91 -4.82
C ARG C 42 9.92 14.39 -4.80
N LEU C 43 10.83 13.53 -5.25
CA LEU C 43 12.24 13.90 -5.38
C LEU C 43 12.50 14.78 -6.64
N LYS C 44 11.86 15.95 -6.70
CA LYS C 44 11.95 16.81 -7.88
C LYS C 44 13.39 16.93 -8.35
N GLY C 45 14.30 17.06 -7.37
CA GLY C 45 15.72 17.24 -7.61
C GLY C 45 16.33 16.07 -8.37
N ALA C 46 16.18 14.88 -7.81
CA ALA C 46 16.60 13.64 -8.46
C ALA C 46 15.96 13.49 -9.85
N GLU C 47 14.64 13.66 -9.90
CA GLU C 47 13.91 13.68 -11.18
C GLU C 47 14.55 14.60 -12.21
N SER C 48 14.99 15.79 -11.79
CA SER C 48 15.56 16.75 -12.74
C SER C 48 16.87 16.26 -13.31
N LEU C 49 17.65 15.56 -12.49
CA LEU C 49 18.90 14.96 -12.94
C LEU C 49 18.68 13.85 -13.95
N LEU C 50 17.71 12.97 -13.70
CA LEU C 50 17.40 11.93 -14.67
C LEU C 50 16.96 12.52 -16.01
N THR C 51 16.06 13.50 -15.95
CA THR C 51 15.56 14.17 -17.16
C THR C 51 16.66 14.93 -17.92
N ASN C 52 17.62 15.51 -17.17
CA ASN C 52 18.81 16.20 -17.67
C ASN C 52 19.72 15.31 -18.50
N GLY C 53 19.63 14.01 -18.26
CA GLY C 53 20.68 13.08 -18.64
C GLY C 53 21.94 13.19 -17.80
N SER C 54 21.83 13.70 -16.56
CA SER C 54 23.01 13.78 -15.69
C SER C 54 23.16 12.49 -14.87
N ILE C 55 22.06 11.77 -14.72
CA ILE C 55 22.13 10.45 -14.11
C ILE C 55 21.37 9.40 -14.91
N SER C 56 21.87 8.17 -14.84
CA SER C 56 21.25 7.03 -15.52
C SER C 56 20.02 6.56 -14.74
N VAL C 57 19.21 5.71 -15.36
CA VAL C 57 18.08 5.13 -14.65
C VAL C 57 18.56 4.36 -13.41
N ARG C 58 19.69 3.66 -13.53
CA ARG C 58 20.20 2.94 -12.39
C ARG C 58 20.49 3.87 -11.20
N GLU C 59 21.15 5.01 -11.46
CA GLU C 59 21.42 5.98 -10.39
C GLU C 59 20.15 6.54 -9.76
N PHE C 60 19.15 6.86 -10.58
CA PHE C 60 17.86 7.28 -10.05
C PHE C 60 17.22 6.22 -9.14
N VAL C 61 17.28 4.97 -9.54
CA VAL C 61 16.74 3.87 -8.74
C VAL C 61 17.49 3.85 -7.42
N ARG C 62 18.80 4.00 -7.52
CA ARG C 62 19.64 4.04 -6.34
C ARG C 62 19.25 5.19 -5.39
N THR C 63 18.96 6.36 -5.95
CA THR C 63 18.61 7.51 -5.14
C THR C 63 17.26 7.30 -4.46
N VAL C 64 16.26 6.92 -5.25
CA VAL C 64 14.95 6.58 -4.70
C VAL C 64 15.09 5.57 -3.54
N ALA C 65 15.90 4.53 -3.73
CA ALA C 65 16.05 3.49 -2.72
C ALA C 65 16.73 3.94 -1.43
N LYS C 66 17.61 4.93 -1.53
CA LYS C 66 18.25 5.51 -0.33
C LYS C 66 17.47 6.69 0.27
N SER C 67 16.53 7.24 -0.48
CA SER C 67 15.74 8.40 -0.05
C SER C 67 14.99 8.19 1.28
N GLU C 68 14.57 9.29 1.87
CA GLU C 68 13.84 9.26 3.14
C GLU C 68 12.45 8.65 2.92
N LEU C 69 11.95 8.76 1.70
CA LEU C 69 10.69 8.15 1.26
C LEU C 69 10.72 6.62 1.40
N TYR C 70 11.81 6.02 0.96
CA TYR C 70 11.90 4.58 0.96
C TYR C 70 12.05 4.07 2.39
N LYS C 71 12.92 4.73 3.15
CA LYS C 71 13.16 4.38 4.55
C LYS C 71 11.88 4.56 5.37
N LYS C 72 11.19 5.68 5.18
CA LYS C 72 9.95 5.93 5.92
C LYS C 72 8.89 4.86 5.66
N LYS C 73 8.84 4.32 4.44
CA LYS C 73 7.82 3.33 4.13
C LYS C 73 8.21 1.92 4.54
N PHE C 74 9.35 1.46 4.07
CA PHE C 74 9.70 0.05 4.23
C PHE C 74 10.65 -0.32 5.39
N LEU C 75 11.50 0.61 5.79
CA LEU C 75 12.49 0.36 6.84
C LEU C 75 11.95 0.55 8.25
N TYR C 76 11.34 1.72 8.51
CA TYR C 76 10.90 2.08 9.86
C TYR C 76 9.82 1.16 10.41
N ASN C 77 9.21 0.37 9.54
CA ASN C 77 8.02 -0.40 9.89
C ASN C 77 8.24 -1.90 9.83
N ASN C 78 9.45 -2.29 9.47
CA ASN C 78 9.70 -3.68 9.30
C ASN C 78 10.96 -4.15 10.00
N PHE C 79 10.99 -5.45 10.24
CA PHE C 79 12.17 -6.12 10.74
C PHE C 79 13.12 -6.26 9.57
N GLN C 80 14.42 -6.22 9.83
CA GLN C 80 15.36 -6.18 8.73
C GLN C 80 15.15 -7.30 7.69
N THR C 81 14.87 -8.52 8.18
CA THR C 81 14.58 -9.62 7.27
C THR C 81 13.54 -9.26 6.24
N ARG C 82 12.40 -8.73 6.68
CA ARG C 82 11.36 -8.29 5.75
C ARG C 82 11.79 -7.15 4.83
N VAL C 83 12.60 -6.23 5.35
CA VAL C 83 13.15 -5.15 4.54
C VAL C 83 14.00 -5.74 3.41
N ILE C 84 14.72 -6.82 3.71
CA ILE C 84 15.58 -7.44 2.71
C ILE C 84 14.74 -8.15 1.68
N GLU C 85 13.60 -8.67 2.09
CA GLU C 85 12.66 -9.29 1.15
C GLU C 85 12.13 -8.27 0.15
N LEU C 86 11.92 -7.05 0.65
CA LEU C 86 11.39 -5.94 -0.11
C LEU C 86 12.45 -5.31 -1.01
N ASN C 87 13.70 -5.35 -0.59
CA ASN C 87 14.81 -4.85 -1.42
C ASN C 87 14.98 -5.74 -2.65
N TYR C 88 14.96 -7.04 -2.45
CA TYR C 88 15.06 -7.98 -3.55
C TYR C 88 13.92 -7.74 -4.51
N LYS C 89 12.71 -7.64 -3.97
CA LYS C 89 11.54 -7.47 -4.82
C LYS C 89 11.66 -6.17 -5.61
N HIS C 90 11.97 -5.08 -4.91
CA HIS C 90 12.06 -3.77 -5.53
C HIS C 90 13.23 -3.64 -6.53
N LEU C 91 14.42 -4.03 -6.10
CA LEU C 91 15.63 -3.83 -6.89
C LEU C 91 16.04 -4.99 -7.81
N LEU C 92 15.57 -6.21 -7.54
CA LEU C 92 15.96 -7.35 -8.37
C LEU C 92 14.76 -8.05 -9.02
N GLY C 93 13.56 -7.55 -8.73
CA GLY C 93 12.34 -8.07 -9.32
C GLY C 93 12.11 -9.52 -8.96
N ARG C 94 12.57 -9.91 -7.77
CA ARG C 94 12.40 -11.28 -7.30
C ARG C 94 12.45 -11.41 -5.78
N ALA C 95 12.03 -12.57 -5.30
CA ALA C 95 12.10 -12.90 -3.89
C ALA C 95 13.44 -13.59 -3.64
N PRO C 96 13.87 -13.67 -2.37
CA PRO C 96 15.13 -14.36 -2.08
C PRO C 96 15.00 -15.85 -2.31
N PHE C 97 16.09 -16.50 -2.70
CA PHE C 97 16.06 -17.89 -3.10
C PHE C 97 16.29 -18.78 -1.90
N SER C 98 17.37 -18.48 -1.19
CA SER C 98 17.83 -19.23 -0.04
C SER C 98 18.02 -18.29 1.12
N GLU C 99 17.85 -18.78 2.35
CA GLU C 99 18.08 -17.95 3.52
C GLU C 99 19.50 -17.43 3.52
N ASP C 100 20.37 -18.09 2.76
CA ASP C 100 21.77 -17.68 2.68
C ASP C 100 21.86 -16.27 2.15
N GLU C 101 21.01 -15.96 1.17
CA GLU C 101 20.95 -14.60 0.63
C GLU C 101 20.48 -13.64 1.72
N VAL C 102 19.40 -13.99 2.41
CA VAL C 102 18.88 -13.15 3.47
C VAL C 102 19.94 -12.84 4.53
N ILE C 103 20.64 -13.87 4.96
CA ILE C 103 21.66 -13.71 5.99
C ILE C 103 22.83 -12.88 5.47
N PHE C 104 23.07 -12.96 4.16
CA PHE C 104 24.16 -12.21 3.58
C PHE C 104 23.90 -10.71 3.71
N HIS C 105 22.63 -10.32 3.58
CA HIS C 105 22.23 -8.93 3.69
C HIS C 105 21.97 -8.48 5.13
N LEU C 106 21.63 -9.42 6.00
CA LEU C 106 21.58 -9.13 7.42
C LEU C 106 22.98 -8.73 7.89
N ASP C 107 23.98 -9.51 7.49
CA ASP C 107 25.35 -9.24 7.91
C ASP C 107 25.91 -7.93 7.33
N LEU C 108 25.76 -7.73 6.03
CA LEU C 108 26.24 -6.52 5.40
C LEU C 108 25.60 -5.28 6.04
N TYR C 109 24.32 -5.40 6.39
CA TYR C 109 23.60 -4.29 6.99
C TYR C 109 24.05 -4.01 8.45
N GLU C 110 24.28 -5.06 9.23
CA GLU C 110 24.80 -4.88 10.58
C GLU C 110 26.16 -4.16 10.58
N ASN C 111 27.00 -4.53 9.61
CA ASN C 111 28.37 -4.00 9.50
C ASN C 111 28.48 -2.66 8.79
N GLN C 112 27.70 -2.45 7.75
CA GLN C 112 27.93 -1.27 6.90
C GLN C 112 26.77 -0.29 6.81
N GLY C 113 25.60 -0.69 7.30
CA GLY C 113 24.47 0.20 7.34
C GLY C 113 23.55 0.11 6.14
N PHE C 114 22.38 0.73 6.28
CA PHE C 114 21.35 0.67 5.26
C PHE C 114 21.81 1.08 3.86
N ASP C 115 22.49 2.21 3.74
CA ASP C 115 22.89 2.71 2.42
C ASP C 115 23.81 1.73 1.68
N ALA C 116 24.72 1.08 2.41
CA ALA C 116 25.67 0.16 1.78
C ALA C 116 25.02 -1.16 1.37
N ASP C 117 24.02 -1.60 2.13
CA ASP C 117 23.22 -2.77 1.75
C ASP C 117 22.48 -2.48 0.43
N ILE C 118 21.86 -1.32 0.33
CA ILE C 118 21.19 -0.88 -0.89
C ILE C 118 22.13 -0.90 -2.11
N ASP C 119 23.32 -0.32 -1.95
CA ASP C 119 24.35 -0.39 -2.98
C ASP C 119 24.66 -1.80 -3.49
N SER C 120 24.51 -2.80 -2.63
CA SER C 120 24.95 -4.14 -3.00
C SER C 120 23.99 -4.84 -3.97
N TYR C 121 22.70 -4.47 -3.89
CA TYR C 121 21.70 -4.99 -4.83
C TYR C 121 21.90 -4.40 -6.22
N ILE C 122 22.08 -3.08 -6.24
CA ILE C 122 22.14 -2.31 -7.47
C ILE C 122 23.48 -2.50 -8.17
N ASP C 123 24.51 -2.83 -7.39
CA ASP C 123 25.87 -3.07 -7.91
C ASP C 123 26.14 -4.56 -8.24
N SER C 124 25.20 -5.42 -7.89
CA SER C 124 25.32 -6.84 -8.17
C SER C 124 25.42 -7.14 -9.67
N VAL C 125 26.16 -8.20 -9.99
CA VAL C 125 26.21 -8.71 -11.35
C VAL C 125 24.83 -9.05 -11.86
N GLU C 126 23.94 -9.44 -10.96
CA GLU C 126 22.59 -9.77 -11.36
C GLU C 126 21.84 -8.54 -11.88
N TYR C 127 21.92 -7.44 -11.12
CA TYR C 127 21.26 -6.21 -11.55
C TYR C 127 21.91 -5.66 -12.84
N GLN C 128 23.24 -5.73 -12.91
CA GLN C 128 23.96 -5.32 -14.11
C GLN C 128 23.44 -6.04 -15.35
N GLU C 129 23.16 -7.34 -15.22
CA GLU C 129 22.82 -8.16 -16.39
C GLU C 129 21.35 -8.15 -16.78
N ASN C 130 20.47 -7.93 -15.81
CA ASN C 130 19.04 -7.92 -16.10
C ASN C 130 18.53 -6.55 -16.41
N PHE C 131 19.21 -5.54 -15.87
CA PHE C 131 18.66 -4.19 -15.86
C PHE C 131 19.62 -3.15 -16.39
N GLY C 132 20.91 -3.40 -16.24
CA GLY C 132 21.93 -2.47 -16.69
C GLY C 132 21.66 -1.05 -16.27
N GLU C 133 22.25 -0.08 -16.97
CA GLU C 133 22.10 1.33 -16.59
C GLU C 133 20.72 1.94 -16.88
N ASN C 134 19.97 1.37 -17.82
CA ASN C 134 18.86 2.11 -18.47
C ASN C 134 17.47 1.49 -18.38
N ILE C 135 17.36 0.40 -17.64
CA ILE C 135 16.11 -0.34 -17.54
C ILE C 135 15.64 -0.33 -16.11
N VAL C 136 14.39 0.09 -15.91
CA VAL C 136 13.78 0.03 -14.61
C VAL C 136 13.57 -1.42 -14.25
N PRO C 137 13.98 -1.82 -13.04
CA PRO C 137 13.77 -3.18 -12.52
C PRO C 137 12.30 -3.58 -12.63
N TYR C 138 12.05 -4.82 -13.02
CA TYR C 138 10.68 -5.35 -13.15
C TYR C 138 10.60 -6.73 -12.52
N TYR C 139 9.40 -7.12 -12.09
CA TYR C 139 9.15 -8.49 -11.63
C TYR C 139 9.51 -9.49 -12.71
N ARG C 140 10.41 -10.42 -12.38
CA ARG C 140 10.84 -11.40 -13.35
C ARG C 140 10.04 -12.67 -13.14
N PHE C 141 9.17 -12.98 -14.11
CA PHE C 141 8.33 -14.17 -14.04
C PHE C 141 9.09 -15.47 -14.35
N ASN C 142 10.30 -15.35 -14.90
CA ASN C 142 11.08 -16.54 -15.22
C ASN C 142 12.60 -16.34 -15.10
N GLY C 146 18.81 -24.11 -9.90
CA GLY C 146 19.28 -24.40 -8.55
C GLY C 146 19.20 -23.20 -7.60
N LEU C 147 17.97 -22.79 -7.28
CA LEU C 147 17.72 -21.60 -6.44
C LEU C 147 18.53 -21.56 -5.14
N GLU C 148 18.76 -22.72 -4.52
CA GLU C 148 19.44 -22.80 -3.22
C GLU C 148 20.92 -22.43 -3.25
N HIS C 149 21.51 -22.44 -4.44
CA HIS C 149 22.94 -22.16 -4.61
C HIS C 149 23.21 -20.73 -5.04
N HIS C 150 22.14 -19.97 -5.24
CA HIS C 150 22.25 -18.69 -5.93
C HIS C 150 22.71 -17.50 -5.09
N HIS C 151 23.37 -16.58 -5.79
CA HIS C 151 23.78 -15.29 -5.26
C HIS C 151 23.82 -14.28 -6.42
N HIS C 152 23.53 -13.01 -6.11
CA HIS C 152 23.56 -11.92 -7.09
C HIS C 152 24.96 -11.29 -7.30
N HIS C 153 25.81 -11.41 -6.28
CA HIS C 153 27.14 -10.75 -6.16
C HIS C 153 27.65 -9.98 -7.37
N ARG D 7 24.90 16.37 39.71
CA ARG D 7 25.11 15.37 38.67
C ARG D 7 25.58 15.92 37.30
N PRO D 8 25.11 17.12 36.89
CA PRO D 8 25.37 17.63 35.54
C PRO D 8 26.82 17.49 35.05
N VAL D 9 26.99 16.76 33.95
CA VAL D 9 28.31 16.53 33.37
C VAL D 9 28.63 17.64 32.40
N GLU D 10 29.71 18.36 32.65
CA GLU D 10 30.01 19.51 31.82
C GLU D 10 31.41 19.46 31.25
N LEU D 11 31.57 19.93 30.02
CA LEU D 11 32.89 20.03 29.42
C LEU D 11 33.37 21.47 29.58
N ARG D 12 34.28 21.69 30.53
CA ARG D 12 34.74 23.03 30.85
C ARG D 12 35.92 23.44 29.99
N PRO D 13 36.13 24.77 29.81
CA PRO D 13 37.13 25.30 28.88
C PRO D 13 38.53 24.83 29.27
N ASP D 14 39.37 24.55 28.28
CA ASP D 14 40.67 23.94 28.53
C ASP D 14 40.51 22.72 29.46
N PHE D 15 39.89 21.67 28.93
CA PHE D 15 39.62 20.42 29.64
C PHE D 15 40.72 19.40 29.33
N SER D 16 40.76 18.29 30.06
CA SER D 16 41.75 17.25 29.77
C SER D 16 41.17 16.10 28.93
N LEU D 17 42.04 15.37 28.25
CA LEU D 17 41.64 14.20 27.45
C LEU D 17 40.66 13.29 28.18
N ASP D 18 40.84 13.15 29.49
CA ASP D 18 39.98 12.34 30.35
C ASP D 18 38.62 12.97 30.61
N ASP D 19 38.57 14.31 30.60
CA ASP D 19 37.31 15.07 30.72
C ASP D 19 36.43 14.85 29.50
N ALA D 20 37.06 14.87 28.34
CA ALA D 20 36.35 14.69 27.08
C ALA D 20 35.80 13.26 27.02
N LYS D 21 36.60 12.29 27.45
CA LYS D 21 36.19 10.89 27.43
C LYS D 21 35.01 10.66 28.36
N VAL D 23 32.70 12.96 28.95
CA VAL D 23 31.53 13.61 28.35
C VAL D 23 30.96 12.77 27.20
N ILE D 24 31.85 12.30 26.33
CA ILE D 24 31.46 11.34 25.33
C ILE D 24 30.69 10.20 25.99
N ARG D 25 31.25 9.61 27.04
CA ARG D 25 30.54 8.57 27.79
C ARG D 25 29.20 9.07 28.38
N ALA D 26 29.17 10.31 28.85
CA ALA D 26 27.95 10.85 29.45
C ALA D 26 26.83 11.08 28.41
N VAL D 27 27.24 11.37 27.18
CA VAL D 27 26.33 11.58 26.06
C VAL D 27 25.80 10.26 25.52
N TYR D 28 26.71 9.33 25.25
CA TYR D 28 26.29 8.02 24.77
C TYR D 28 25.31 7.43 25.78
N ARG D 29 25.55 7.69 27.06
CA ARG D 29 24.65 7.23 28.10
C ARG D 29 23.31 7.95 28.01
N GLN D 30 23.34 9.27 27.88
CA GLN D 30 22.11 10.08 27.90
C GLN D 30 21.29 10.04 26.59
N VAL D 31 21.99 10.14 25.47
CA VAL D 31 21.30 10.27 24.20
C VAL D 31 21.03 8.91 23.54
N LEU D 32 21.92 7.94 23.79
CA LEU D 32 21.82 6.63 23.15
C LEU D 32 21.32 5.49 24.06
N GLY D 33 21.38 5.66 25.38
CA GLY D 33 21.05 4.58 26.29
C GLY D 33 22.12 3.49 26.32
N ASN D 34 23.37 3.87 26.05
CA ASN D 34 24.49 2.94 26.03
C ASN D 34 25.63 3.30 27.02
N ASP D 35 26.01 2.33 27.86
CA ASP D 35 27.12 2.48 28.78
C ASP D 35 28.38 1.97 28.09
N TYR D 36 28.17 1.25 26.99
CA TYR D 36 29.28 0.76 26.19
C TYR D 36 28.86 0.64 24.75
N ILE D 37 29.76 1.03 23.85
CA ILE D 37 29.59 0.80 22.42
C ILE D 37 30.89 0.17 21.94
N ASP D 39 34.05 -0.63 19.46
CA ASP D 39 34.86 0.28 18.66
C ASP D 39 34.23 0.52 17.32
N SER D 40 33.90 -0.59 16.64
CA SER D 40 33.37 -0.57 15.29
C SER D 40 32.25 0.43 15.08
N GLU D 41 31.39 0.56 16.08
CA GLU D 41 30.19 1.37 15.96
C GLU D 41 30.33 2.77 16.57
N ARG D 42 31.43 3.04 17.26
CA ARG D 42 31.59 4.37 17.85
C ARG D 42 31.76 5.45 16.78
N LEU D 43 31.12 6.59 17.04
CA LEU D 43 31.26 7.75 16.19
C LEU D 43 32.64 8.35 16.38
N LYS D 44 33.66 7.56 16.06
CA LYS D 44 35.06 7.92 16.28
C LYS D 44 35.42 9.26 15.65
N GLY D 45 34.78 9.59 14.53
CA GLY D 45 34.99 10.87 13.88
C GLY D 45 34.49 12.02 14.74
N ALA D 46 33.21 11.95 15.13
CA ALA D 46 32.64 12.96 16.01
C ALA D 46 33.46 13.09 17.30
N GLU D 47 33.63 11.97 18.01
CA GLU D 47 34.44 11.95 19.24
C GLU D 47 35.72 12.76 19.08
N SER D 48 36.40 12.53 17.96
CA SER D 48 37.68 13.18 17.66
C SER D 48 37.53 14.69 17.59
N LEU D 49 36.45 15.15 16.98
CA LEU D 49 36.19 16.58 16.87
C LEU D 49 35.82 17.21 18.21
N LEU D 50 35.20 16.45 19.11
CA LEU D 50 34.85 17.01 20.40
C LEU D 50 36.10 17.20 21.26
N THR D 51 37.04 16.25 21.12
CA THR D 51 38.32 16.28 21.84
C THR D 51 39.20 17.45 21.41
N ASN D 52 39.35 17.65 20.09
CA ASN D 52 40.12 18.75 19.52
C ASN D 52 39.58 20.12 19.92
N GLY D 53 38.35 20.14 20.41
CA GLY D 53 37.67 21.40 20.66
C GLY D 53 37.09 21.97 19.37
N SER D 54 37.16 21.17 18.31
CA SER D 54 36.55 21.54 17.02
C SER D 54 35.09 21.91 17.19
N ILE D 55 34.35 21.05 17.90
CA ILE D 55 32.90 21.22 18.10
C ILE D 55 32.57 21.25 19.60
N SER D 56 31.37 21.70 19.92
CA SER D 56 30.94 21.76 21.32
C SER D 56 30.15 20.52 21.71
N VAL D 57 29.80 20.46 22.98
CA VAL D 57 29.03 19.35 23.49
C VAL D 57 27.68 19.30 22.79
N ARG D 58 27.02 20.44 22.69
CA ARG D 58 25.72 20.54 22.03
C ARG D 58 25.77 20.03 20.59
N GLU D 59 26.88 20.26 19.89
CA GLU D 59 27.02 19.72 18.55
C GLU D 59 27.35 18.24 18.57
N PHE D 60 28.12 17.81 19.56
CA PHE D 60 28.30 16.38 19.74
C PHE D 60 26.93 15.72 19.90
N VAL D 61 26.17 16.16 20.91
CA VAL D 61 24.80 15.69 21.12
C VAL D 61 24.02 15.60 19.80
N ARG D 62 23.86 16.74 19.15
CA ARG D 62 23.21 16.82 17.83
C ARG D 62 23.76 15.80 16.83
N THR D 63 25.09 15.65 16.77
CA THR D 63 25.68 14.65 15.88
C THR D 63 25.20 13.26 16.27
N VAL D 64 25.14 12.98 17.58
CA VAL D 64 24.75 11.65 18.04
C VAL D 64 23.27 11.37 17.83
N ALA D 65 22.44 12.40 17.95
CA ALA D 65 20.99 12.27 17.74
C ALA D 65 20.63 12.09 16.28
N LYS D 66 21.53 12.47 15.38
CA LYS D 66 21.29 12.30 13.94
C LYS D 66 22.01 11.10 13.35
N SER D 67 22.65 10.29 14.20
CA SER D 67 23.47 9.19 13.69
C SER D 67 22.64 7.95 13.36
N GLU D 68 23.23 7.05 12.58
CA GLU D 68 22.57 5.80 12.26
C GLU D 68 22.39 5.02 13.55
N LEU D 69 23.30 5.22 14.49
CA LEU D 69 23.22 4.63 15.83
C LEU D 69 21.87 4.98 16.47
N TYR D 70 21.55 6.27 16.50
CA TYR D 70 20.32 6.74 17.11
C TYR D 70 19.10 6.27 16.32
N LYS D 71 19.15 6.43 15.00
CA LYS D 71 18.01 6.08 14.14
C LYS D 71 17.74 4.57 14.15
N LYS D 72 18.80 3.77 14.06
CA LYS D 72 18.68 2.32 14.15
C LYS D 72 18.01 1.85 15.45
N LYS D 73 18.36 2.52 16.56
CA LYS D 73 17.90 2.12 17.88
C LYS D 73 16.53 2.67 18.28
N PHE D 74 16.22 3.90 17.89
CA PHE D 74 14.96 4.49 18.33
C PHE D 74 13.93 4.74 17.23
N LEU D 75 14.40 4.96 16.01
CA LEU D 75 13.53 5.35 14.89
C LEU D 75 13.09 4.16 13.99
N TYR D 76 14.05 3.33 13.57
CA TYR D 76 13.79 2.24 12.65
C TYR D 76 12.79 1.21 13.16
N ASN D 77 12.32 1.33 14.38
CA ASN D 77 11.45 0.30 14.92
C ASN D 77 10.38 0.81 15.87
N ASN D 78 10.03 2.09 15.74
CA ASN D 78 9.03 2.70 16.62
C ASN D 78 7.99 3.54 15.89
N PHE D 79 6.84 3.74 16.51
CA PHE D 79 5.82 4.65 16.00
C PHE D 79 6.29 6.07 16.24
N GLN D 80 6.01 6.99 15.32
CA GLN D 80 6.61 8.31 15.43
C GLN D 80 6.32 8.97 16.76
N THR D 81 5.09 8.83 17.27
CA THR D 81 4.77 9.35 18.59
C THR D 81 5.81 8.93 19.64
N ARG D 82 6.08 7.63 19.69
CA ARG D 82 7.06 7.09 20.62
C ARG D 82 8.45 7.72 20.44
N VAL D 83 8.86 7.89 19.18
CA VAL D 83 10.14 8.48 18.83
C VAL D 83 10.23 9.86 19.45
N ILE D 84 9.13 10.59 19.34
CA ILE D 84 9.07 11.96 19.84
C ILE D 84 9.26 11.97 21.35
N GLU D 85 8.66 11.00 22.04
CA GLU D 85 8.80 10.92 23.49
C GLU D 85 10.27 10.70 23.86
N LEU D 86 10.92 9.81 23.12
CA LEU D 86 12.34 9.54 23.30
C LEU D 86 13.23 10.77 23.05
N ASN D 87 12.97 11.49 21.96
CA ASN D 87 13.71 12.71 21.68
C ASN D 87 13.64 13.68 22.83
N TYR D 88 12.45 13.85 23.40
CA TYR D 88 12.29 14.68 24.58
C TYR D 88 13.11 14.18 25.77
N LYS D 89 13.02 12.88 26.04
CA LYS D 89 13.75 12.33 27.16
C LYS D 89 15.26 12.48 26.94
N HIS D 90 15.72 12.10 25.77
CA HIS D 90 17.14 12.10 25.46
C HIS D 90 17.73 13.50 25.40
N LEU D 91 17.04 14.40 24.69
CA LEU D 91 17.58 15.72 24.38
C LEU D 91 17.12 16.86 25.31
N LEU D 92 15.96 16.74 25.93
CA LEU D 92 15.54 17.79 26.88
C LEU D 92 15.46 17.31 28.36
N GLY D 93 15.83 16.06 28.60
CA GLY D 93 15.76 15.49 29.94
C GLY D 93 14.36 15.48 30.53
N ARG D 94 13.34 15.32 29.68
CA ARG D 94 11.96 15.31 30.18
C ARG D 94 10.98 14.65 29.22
N ALA D 95 9.77 14.43 29.70
CA ALA D 95 8.68 13.93 28.87
C ALA D 95 7.90 15.10 28.26
N PRO D 96 7.28 14.86 27.09
CA PRO D 96 6.39 15.85 26.48
C PRO D 96 5.44 16.39 27.53
N PHE D 97 5.00 17.64 27.40
CA PHE D 97 4.01 18.16 28.34
C PHE D 97 2.64 17.60 28.03
N SER D 98 2.18 17.82 26.80
CA SER D 98 0.85 17.44 26.40
C SER D 98 0.89 16.75 25.06
N GLU D 99 -0.26 16.63 24.42
CA GLU D 99 -0.37 16.07 23.09
C GLU D 99 -0.09 17.14 22.05
N ASP D 100 -0.07 18.39 22.50
CA ASP D 100 0.12 19.52 21.60
C ASP D 100 1.57 19.65 21.18
N GLU D 101 2.48 19.41 22.12
CA GLU D 101 3.89 19.33 21.77
C GLU D 101 4.16 18.16 20.84
N VAL D 102 3.56 17.01 21.14
CA VAL D 102 3.70 15.86 20.26
C VAL D 102 3.14 16.16 18.85
N ILE D 103 1.92 16.69 18.79
CA ILE D 103 1.36 17.07 17.51
C ILE D 103 2.28 18.06 16.80
N PHE D 104 2.98 18.86 17.57
CA PHE D 104 3.83 19.87 16.96
C PHE D 104 5.02 19.23 16.27
N HIS D 105 5.65 18.27 16.95
CA HIS D 105 6.80 17.59 16.37
C HIS D 105 6.41 16.53 15.33
N LEU D 106 5.25 15.91 15.51
CA LEU D 106 4.68 15.06 14.47
C LEU D 106 4.66 15.86 13.19
N ASP D 107 4.11 17.06 13.28
CA ASP D 107 3.96 17.95 12.13
C ASP D 107 5.31 18.32 11.54
N LEU D 108 6.19 18.86 12.38
CA LEU D 108 7.53 19.25 11.93
C LEU D 108 8.21 18.11 11.17
N TYR D 109 8.20 16.93 11.77
CA TYR D 109 8.82 15.77 11.17
C TYR D 109 8.20 15.47 9.79
N GLU D 110 6.92 15.11 9.77
CA GLU D 110 6.16 14.88 8.52
C GLU D 110 6.60 15.81 7.38
N ASN D 111 6.74 17.09 7.69
CA ASN D 111 6.95 18.15 6.70
C ASN D 111 8.41 18.43 6.35
N GLN D 112 9.30 18.22 7.32
CA GLN D 112 10.71 18.58 7.13
C GLN D 112 11.68 17.44 7.39
N GLY D 113 11.15 16.30 7.83
CA GLY D 113 11.99 15.14 8.06
C GLY D 113 12.70 15.04 9.40
N PHE D 114 13.30 13.88 9.63
CA PHE D 114 13.92 13.57 10.92
C PHE D 114 14.96 14.57 11.45
N ASP D 115 16.01 14.81 10.67
CA ASP D 115 17.08 15.70 11.12
C ASP D 115 16.60 17.09 11.49
N ALA D 116 15.59 17.58 10.77
CA ALA D 116 15.08 18.93 11.00
C ALA D 116 14.41 18.99 12.36
N ASP D 117 13.76 17.89 12.71
CA ASP D 117 13.06 17.75 13.98
C ASP D 117 14.05 17.71 15.12
N ILE D 118 15.08 16.86 14.96
CA ILE D 118 16.17 16.76 15.91
C ILE D 118 16.75 18.14 16.22
N ASP D 119 16.90 18.99 15.21
CA ASP D 119 17.37 20.37 15.41
C ASP D 119 16.42 21.21 16.26
N SER D 120 15.12 21.01 16.12
CA SER D 120 14.18 21.81 16.89
C SER D 120 14.38 21.63 18.40
N TYR D 121 14.60 20.40 18.86
CA TYR D 121 14.85 20.16 20.29
C TYR D 121 16.13 20.91 20.71
N ILE D 122 17.22 20.67 19.98
CA ILE D 122 18.55 21.16 20.33
C ILE D 122 18.71 22.68 20.18
N ASP D 123 17.91 23.28 19.31
CA ASP D 123 17.95 24.73 19.07
C ASP D 123 16.91 25.50 19.88
N SER D 124 16.19 24.80 20.75
CA SER D 124 15.06 25.40 21.42
C SER D 124 15.55 26.34 22.49
N VAL D 125 14.66 27.20 22.97
CA VAL D 125 15.03 28.10 24.05
C VAL D 125 15.32 27.23 25.25
N GLU D 126 14.45 26.25 25.46
CA GLU D 126 14.59 25.33 26.57
C GLU D 126 15.96 24.66 26.59
N TYR D 127 16.38 24.09 25.46
CA TYR D 127 17.68 23.44 25.41
C TYR D 127 18.79 24.43 25.73
N GLN D 128 18.71 25.64 25.18
CA GLN D 128 19.71 26.67 25.42
C GLN D 128 19.81 27.03 26.90
N GLU D 129 18.66 27.25 27.54
CA GLU D 129 18.66 27.78 28.89
C GLU D 129 19.04 26.79 29.99
N ASN D 130 18.88 25.50 29.71
CA ASN D 130 19.22 24.47 30.70
C ASN D 130 20.56 23.82 30.42
N PHE D 131 20.98 23.80 29.16
CA PHE D 131 22.18 23.04 28.81
C PHE D 131 23.24 23.86 28.08
N GLY D 132 22.80 24.86 27.34
CA GLY D 132 23.72 25.68 26.58
C GLY D 132 24.64 24.82 25.72
N GLU D 133 25.84 25.32 25.47
CA GLU D 133 26.74 24.67 24.51
C GLU D 133 27.65 23.60 25.10
N ASN D 134 27.66 23.46 26.42
CA ASN D 134 28.72 22.67 27.07
C ASN D 134 28.30 21.65 28.13
N ILE D 135 27.01 21.60 28.44
CA ILE D 135 26.49 20.60 29.35
C ILE D 135 25.66 19.53 28.62
N VAL D 136 26.02 18.28 28.84
CA VAL D 136 25.23 17.15 28.36
C VAL D 136 23.85 17.17 29.00
N PRO D 137 22.78 16.91 28.22
CA PRO D 137 21.46 16.91 28.85
C PRO D 137 21.36 15.87 29.98
N TYR D 138 20.35 16.01 30.83
CA TYR D 138 20.15 15.12 31.95
C TYR D 138 18.70 15.20 32.41
N TYR D 139 18.16 14.11 32.94
CA TYR D 139 16.78 14.08 33.39
C TYR D 139 16.56 15.14 34.47
N ARG D 140 15.37 15.74 34.48
CA ARG D 140 15.10 16.87 35.34
C ARG D 140 13.91 16.59 36.25
N PHE D 141 14.14 16.76 37.56
CA PHE D 141 13.18 16.41 38.61
C PHE D 141 11.78 15.91 38.17
#